data_6QS5
#
_entry.id   6QS5
#
_cell.length_a   142.970
_cell.length_b   59.550
_cell.length_c   46.350
_cell.angle_alpha   90.000
_cell.angle_beta   103.810
_cell.angle_gamma   90.000
#
_symmetry.space_group_name_H-M   'C 1 2 1'
#
loop_
_entity.id
_entity.type
_entity.pdbx_description
1 polymer 'Casein kinase II subunit alpha'
2 non-polymer (~{E})-3-[3,4-bis(oxidanyl)phenyl]-2-cyano-prop-2-enamide
3 water water
#
_entity_poly.entity_id   1
_entity_poly.type   'polypeptide(L)'
_entity_poly.pdbx_seq_one_letter_code
;SKARVYADVNVLRPKEYWDYEALTVQWGEQDDYEVVRKVGRGKYSEVFEGINVNNNEKCIIKILKPVKKKKIKREIKILQ
NLCGGPNIVKLLDIVRDQHSKTPSLIFEYVNNTDFKVLYPTLTDYDIRYYIYELLKALDYCHSQGIMHRDVKPHNVMIDH
ELRKLRLIDWGLAEFYHPGKEYNVRVASRYFKGPELLVDLQDYDYSLDMWSLGCMFAGMIFRKEPFFYGHDNHDQLVKIA
KVLGTDGLNVYLNKYRIELDPQLEALVGRHSRKPWLKFMNADNQHLVSPEAIDFLDKLLRYDHQERLTALEAMTHPYFQQ
VRAAE
;
_entity_poly.pdbx_strand_id   A
#
loop_
_chem_comp.id
_chem_comp.type
_chem_comp.name
_chem_comp.formula
JGB non-polymer (~{E})-3-[3,4-bis(oxidanyl)phenyl]-2-cyano-prop-2-enamide 'C10 H8 N2 O3'
#
# COMPACT_ATOMS: atom_id res chain seq x y z
N SER A 1 21.53 2.47 -1.24
CA SER A 1 20.64 1.33 -1.15
C SER A 1 19.93 1.11 -2.47
N LYS A 2 19.63 -0.14 -2.77
CA LYS A 2 19.07 -0.50 -4.06
C LYS A 2 18.23 -1.74 -3.88
N ALA A 3 17.15 -1.83 -4.64
CA ALA A 3 16.23 -2.95 -4.48
C ALA A 3 16.96 -4.27 -4.76
N ARG A 4 16.65 -5.28 -3.95
CA ARG A 4 17.21 -6.61 -4.16
C ARG A 4 16.54 -7.38 -5.29
N VAL A 5 15.34 -6.97 -5.70
CA VAL A 5 14.66 -7.60 -6.82
C VAL A 5 14.08 -6.50 -7.70
N TYR A 6 13.87 -6.84 -8.97
CA TYR A 6 13.18 -5.98 -9.94
C TYR A 6 13.84 -4.61 -10.05
N ALA A 7 15.10 -4.51 -9.69
CA ALA A 7 15.79 -3.23 -9.73
C ALA A 7 15.93 -2.70 -11.16
N ASP A 8 15.94 -3.57 -12.16
CA ASP A 8 16.26 -3.17 -13.52
C ASP A 8 15.06 -3.06 -14.43
N VAL A 9 13.84 -3.26 -13.91
CA VAL A 9 12.68 -3.37 -14.78
C VAL A 9 12.55 -2.14 -15.68
N ASN A 10 12.64 -0.96 -15.09
CA ASN A 10 12.44 0.25 -15.87
C ASN A 10 13.63 0.60 -16.74
N VAL A 11 14.83 0.16 -16.34
CA VAL A 11 16.03 0.36 -17.16
C VAL A 11 15.89 -0.29 -18.52
N LEU A 12 15.28 -1.47 -18.56
CA LEU A 12 15.22 -2.29 -19.77
C LEU A 12 13.99 -2.02 -20.61
N ARG A 13 13.00 -1.36 -20.07
CA ARG A 13 11.85 -1.07 -20.90
C ARG A 13 12.08 0.21 -21.68
N PRO A 14 11.33 0.43 -22.77
CA PRO A 14 11.47 1.69 -23.50
C PRO A 14 11.01 2.86 -22.65
N LYS A 15 11.55 4.04 -22.96
CA LYS A 15 11.36 5.17 -22.07
C LYS A 15 9.89 5.52 -21.94
N GLU A 16 9.11 5.32 -23.00
CA GLU A 16 7.68 5.62 -22.96
C GLU A 16 6.95 4.83 -21.88
N TYR A 17 7.51 3.73 -21.40
CA TYR A 17 6.86 2.96 -20.34
C TYR A 17 6.83 3.73 -19.04
N TRP A 18 7.95 4.36 -18.66
CA TRP A 18 8.05 5.06 -17.39
C TRP A 18 8.04 6.58 -17.53
N ASP A 19 8.02 7.09 -18.76
CA ASP A 19 8.04 8.53 -19.00
C ASP A 19 6.60 9.06 -18.98
N TYR A 20 6.05 9.17 -17.76
CA TYR A 20 4.65 9.54 -17.62
C TYR A 20 4.40 11.01 -17.94
N GLU A 21 5.42 11.87 -17.88
CA GLU A 21 5.21 13.28 -18.24
C GLU A 21 4.83 13.43 -19.70
N ALA A 22 5.21 12.47 -20.54
CA ALA A 22 4.99 12.53 -21.98
C ALA A 22 3.68 11.89 -22.41
N LEU A 23 2.90 11.36 -21.47
CA LEU A 23 1.64 10.72 -21.85
C LEU A 23 0.65 11.76 -22.35
N THR A 24 -0.07 11.41 -23.41
CA THR A 24 -1.16 12.23 -23.93
C THR A 24 -2.47 11.47 -23.74
N VAL A 25 -3.41 12.08 -23.01
CA VAL A 25 -4.63 11.39 -22.60
C VAL A 25 -5.67 11.47 -23.70
N GLN A 26 -6.27 10.32 -24.04
CA GLN A 26 -7.40 10.27 -24.96
CA GLN A 26 -7.40 10.26 -24.96
C GLN A 26 -8.68 10.25 -24.13
N TRP A 27 -9.41 11.37 -24.15
CA TRP A 27 -10.53 11.57 -23.24
C TRP A 27 -11.79 10.89 -23.71
N GLY A 28 -12.43 10.15 -22.82
CA GLY A 28 -13.71 9.52 -23.08
C GLY A 28 -14.86 10.51 -23.05
N GLU A 29 -16.05 9.99 -22.81
CA GLU A 29 -17.28 10.76 -22.86
C GLU A 29 -17.80 10.98 -21.44
N GLN A 30 -17.83 12.24 -21.00
CA GLN A 30 -18.17 12.56 -19.61
C GLN A 30 -19.56 12.04 -19.23
N ASP A 31 -20.50 12.08 -20.16
CA ASP A 31 -21.88 11.67 -19.88
C ASP A 31 -22.10 10.16 -19.90
N ASP A 32 -21.08 9.34 -20.20
CA ASP A 32 -21.32 7.91 -20.13
C ASP A 32 -21.53 7.43 -18.70
N TYR A 33 -21.10 8.22 -17.72
CA TYR A 33 -21.07 7.79 -16.33
C TYR A 33 -21.80 8.80 -15.47
N GLU A 34 -22.68 8.32 -14.62
CA GLU A 34 -23.52 9.18 -13.80
C GLU A 34 -23.32 8.84 -12.34
N VAL A 35 -23.19 9.87 -11.50
CA VAL A 35 -22.94 9.64 -10.09
C VAL A 35 -24.21 9.11 -9.43
N VAL A 36 -24.08 8.04 -8.64
CA VAL A 36 -25.21 7.51 -7.89
C VAL A 36 -25.14 7.90 -6.42
N ARG A 37 -23.98 7.73 -5.80
CA ARG A 37 -23.84 8.08 -4.39
C ARG A 37 -22.36 8.18 -4.04
N LYS A 38 -22.06 9.06 -3.10
CA LYS A 38 -20.68 9.21 -2.63
C LYS A 38 -20.28 7.99 -1.82
N VAL A 39 -19.02 7.61 -1.95
CA VAL A 39 -18.53 6.35 -1.42
C VAL A 39 -17.29 6.59 -0.58
N GLY A 40 -16.54 7.64 -0.90
CA GLY A 40 -15.29 7.87 -0.21
C GLY A 40 -14.70 9.20 -0.61
N ARG A 41 -13.67 9.60 0.12
CA ARG A 41 -13.01 10.87 -0.14
C ARG A 41 -11.60 10.79 0.44
N GLY A 42 -10.76 11.73 0.03
CA GLY A 42 -9.40 11.83 0.51
C GLY A 42 -8.89 13.20 0.13
N LYS A 43 -7.63 13.44 0.45
CA LYS A 43 -7.03 14.76 0.21
C LYS A 43 -7.05 15.13 -1.26
N TYR A 44 -7.00 14.14 -2.17
CA TYR A 44 -6.78 14.41 -3.58
C TYR A 44 -7.92 13.94 -4.47
N SER A 45 -8.97 13.37 -3.90
CA SER A 45 -10.02 12.80 -4.72
C SER A 45 -11.30 12.71 -3.92
N GLU A 46 -12.41 12.74 -4.63
CA GLU A 46 -13.69 12.27 -4.14
C GLU A 46 -14.10 11.10 -5.02
N VAL A 47 -14.76 10.12 -4.41
CA VAL A 47 -15.05 8.85 -5.07
C VAL A 47 -16.54 8.56 -4.92
N PHE A 48 -17.16 8.13 -6.03
CA PHE A 48 -18.60 7.93 -6.09
C PHE A 48 -18.90 6.59 -6.73
N GLU A 49 -19.96 5.93 -6.25
CA GLU A 49 -20.52 4.82 -6.99
C GLU A 49 -21.24 5.40 -8.18
N GLY A 50 -20.87 4.93 -9.38
CA GLY A 50 -21.45 5.42 -10.61
C GLY A 50 -22.17 4.32 -11.35
N ILE A 51 -22.80 4.71 -12.45
CA ILE A 51 -23.49 3.80 -13.34
C ILE A 51 -23.06 4.14 -14.75
N ASN A 52 -22.72 3.12 -15.53
CA ASN A 52 -22.41 3.26 -16.94
C ASN A 52 -23.73 3.26 -17.71
N VAL A 53 -24.06 4.40 -18.34
CA VAL A 53 -25.38 4.53 -18.94
C VAL A 53 -25.55 3.62 -20.13
N ASN A 54 -24.47 3.13 -20.72
CA ASN A 54 -24.58 2.30 -21.92
C ASN A 54 -25.03 0.89 -21.57
N ASN A 55 -24.39 0.27 -20.58
CA ASN A 55 -24.67 -1.11 -20.21
C ASN A 55 -25.35 -1.23 -18.85
N ASN A 56 -25.59 -0.11 -18.16
CA ASN A 56 -26.23 -0.08 -16.84
C ASN A 56 -25.44 -0.88 -15.81
N GLU A 57 -24.15 -1.06 -16.05
CA GLU A 57 -23.28 -1.74 -15.10
C GLU A 57 -22.65 -0.71 -14.16
N LYS A 58 -22.47 -1.11 -12.90
CA LYS A 58 -21.92 -0.17 -11.93
C LYS A 58 -20.46 0.15 -12.27
N CYS A 59 -20.01 1.29 -11.74
CA CYS A 59 -18.62 1.71 -11.89
C CYS A 59 -18.26 2.62 -10.72
N ILE A 60 -16.99 2.98 -10.66
CA ILE A 60 -16.49 3.96 -9.71
C ILE A 60 -16.08 5.21 -10.48
N ILE A 61 -16.58 6.37 -10.05
CA ILE A 61 -16.17 7.64 -10.61
C ILE A 61 -15.25 8.29 -9.59
N LYS A 62 -13.98 8.47 -9.95
CA LYS A 62 -13.01 9.12 -9.06
C LYS A 62 -12.73 10.53 -9.60
N ILE A 63 -13.28 11.54 -8.92
CA ILE A 63 -13.12 12.93 -9.33
C ILE A 63 -11.90 13.49 -8.61
N LEU A 64 -10.92 13.96 -9.37
CA LEU A 64 -9.64 14.37 -8.81
C LEU A 64 -9.70 15.83 -8.37
N LYS A 65 -9.28 16.08 -7.13
CA LYS A 65 -9.18 17.43 -6.62
C LYS A 65 -8.02 18.15 -7.31
N PRO A 66 -8.09 19.49 -7.41
CA PRO A 66 -7.08 20.24 -8.17
C PRO A 66 -5.65 20.01 -7.69
N VAL A 67 -4.83 19.40 -8.53
CA VAL A 67 -3.42 19.17 -8.24
C VAL A 67 -2.63 19.44 -9.51
N LYS A 68 -1.31 19.35 -9.40
CA LYS A 68 -0.43 19.51 -10.54
C LYS A 68 -0.69 18.42 -11.58
N LYS A 69 -0.65 18.81 -12.86
CA LYS A 69 -0.92 17.87 -13.95
C LYS A 69 0.03 16.66 -13.91
N LYS A 70 1.21 16.82 -13.32
CA LYS A 70 2.17 15.73 -13.24
C LYS A 70 1.61 14.54 -12.48
N LYS A 71 1.06 14.80 -11.29
CA LYS A 71 0.48 13.74 -10.46
C LYS A 71 -0.63 12.99 -11.20
N ILE A 72 -1.37 13.70 -12.06
CA ILE A 72 -2.48 13.10 -12.80
C ILE A 72 -1.97 12.11 -13.84
N LYS A 73 -1.04 12.56 -14.68
CA LYS A 73 -0.48 11.64 -15.66
C LYS A 73 0.24 10.49 -14.98
N ARG A 74 0.83 10.72 -13.81
CA ARG A 74 1.54 9.64 -13.14
C ARG A 74 0.60 8.51 -12.77
N GLU A 75 -0.51 8.84 -12.10
CA GLU A 75 -1.50 7.84 -11.72
C GLU A 75 -2.09 7.15 -12.94
N ILE A 76 -2.43 7.91 -13.99
CA ILE A 76 -3.00 7.30 -15.20
C ILE A 76 -2.00 6.36 -15.84
N LYS A 77 -0.77 6.82 -16.02
CA LYS A 77 0.25 6.00 -16.68
C LYS A 77 0.48 4.70 -15.91
N ILE A 78 0.46 4.75 -14.58
CA ILE A 78 0.71 3.56 -13.79
C ILE A 78 -0.48 2.61 -13.89
N LEU A 79 -1.70 3.13 -13.82
CA LEU A 79 -2.88 2.29 -13.91
C LEU A 79 -2.96 1.60 -15.27
N GLN A 80 -2.61 2.31 -16.34
CA GLN A 80 -2.57 1.68 -17.65
C GLN A 80 -1.55 0.55 -17.70
N ASN A 81 -0.38 0.75 -17.09
CA ASN A 81 0.67 -0.27 -17.11
C ASN A 81 0.25 -1.52 -16.34
N LEU A 82 -0.47 -1.36 -15.23
CA LEU A 82 -0.83 -2.47 -14.37
C LEU A 82 -2.15 -3.15 -14.75
N CYS A 83 -2.96 -2.56 -15.64
CA CYS A 83 -4.26 -3.10 -15.99
C CYS A 83 -4.12 -4.55 -16.44
N GLY A 84 -4.95 -5.43 -15.88
CA GLY A 84 -4.84 -6.86 -16.12
C GLY A 84 -4.06 -7.62 -15.06
N GLY A 85 -3.21 -6.93 -14.30
CA GLY A 85 -2.50 -7.55 -13.21
C GLY A 85 -3.43 -8.13 -12.16
N PRO A 86 -2.98 -9.19 -11.49
CA PRO A 86 -3.82 -9.82 -10.46
C PRO A 86 -4.16 -8.84 -9.35
N ASN A 87 -5.46 -8.67 -9.12
CA ASN A 87 -6.00 -7.87 -8.02
C ASN A 87 -5.62 -6.38 -8.11
N ILE A 88 -5.26 -5.88 -9.28
CA ILE A 88 -5.06 -4.44 -9.50
C ILE A 88 -6.38 -3.85 -9.97
N VAL A 89 -6.78 -2.72 -9.37
CA VAL A 89 -8.01 -2.08 -9.83
C VAL A 89 -7.87 -1.73 -11.31
N LYS A 90 -8.95 -1.92 -12.06
CA LYS A 90 -8.93 -1.77 -13.51
C LYS A 90 -9.44 -0.38 -13.89
N LEU A 91 -8.57 0.41 -14.51
CA LEU A 91 -8.95 1.70 -15.06
C LEU A 91 -9.74 1.47 -16.34
N LEU A 92 -11.00 1.91 -16.36
CA LEU A 92 -11.87 1.65 -17.49
C LEU A 92 -11.93 2.79 -18.48
N ASP A 93 -11.73 4.03 -18.02
CA ASP A 93 -12.01 5.21 -18.83
C ASP A 93 -11.51 6.44 -18.08
N ILE A 94 -11.28 7.51 -18.84
CA ILE A 94 -10.83 8.79 -18.32
C ILE A 94 -11.64 9.88 -19.01
N VAL A 95 -12.27 10.76 -18.23
CA VAL A 95 -13.18 11.77 -18.75
C VAL A 95 -12.97 13.08 -18.01
N ARG A 96 -13.51 14.16 -18.57
CA ARG A 96 -13.36 15.45 -17.95
C ARG A 96 -14.65 16.26 -18.16
N ASP A 97 -14.97 17.09 -17.18
CA ASP A 97 -16.04 18.07 -17.34
C ASP A 97 -15.59 19.14 -18.34
N GLN A 98 -16.48 19.50 -19.27
CA GLN A 98 -16.06 20.39 -20.35
C GLN A 98 -15.76 21.80 -19.83
N HIS A 99 -16.62 22.34 -18.96
CA HIS A 99 -16.45 23.73 -18.53
C HIS A 99 -15.19 23.92 -17.69
N SER A 100 -14.92 23.00 -16.76
CA SER A 100 -13.81 23.16 -15.82
C SER A 100 -12.64 22.21 -16.07
N LYS A 101 -12.79 21.25 -16.97
CA LYS A 101 -11.75 20.26 -17.28
C LYS A 101 -11.25 19.54 -16.03
N THR A 102 -12.10 19.44 -15.02
CA THR A 102 -11.81 18.59 -13.89
C THR A 102 -11.86 17.12 -14.33
N PRO A 103 -10.77 16.36 -14.19
CA PRO A 103 -10.74 14.99 -14.70
C PRO A 103 -11.31 13.98 -13.71
N SER A 104 -11.89 12.93 -14.26
CA SER A 104 -12.43 11.83 -13.48
C SER A 104 -11.91 10.52 -14.04
N LEU A 105 -11.47 9.63 -13.15
CA LEU A 105 -11.04 8.30 -13.55
C LEU A 105 -12.18 7.33 -13.28
N ILE A 106 -12.50 6.51 -14.26
CA ILE A 106 -13.57 5.52 -14.18
C ILE A 106 -12.93 4.16 -13.92
N PHE A 107 -13.43 3.45 -12.91
CA PHE A 107 -12.93 2.12 -12.57
C PHE A 107 -14.09 1.14 -12.50
N GLU A 108 -13.73 -0.14 -12.51
CA GLU A 108 -14.63 -1.20 -12.03
C GLU A 108 -15.14 -0.85 -10.64
N TYR A 109 -16.30 -1.38 -10.25
CA TYR A 109 -16.85 -1.14 -8.92
C TYR A 109 -16.65 -2.37 -8.06
N VAL A 110 -16.14 -2.17 -6.84
CA VAL A 110 -16.08 -3.22 -5.82
C VAL A 110 -17.09 -2.89 -4.75
N ASN A 111 -17.96 -3.87 -4.44
CA ASN A 111 -18.92 -3.72 -3.35
C ASN A 111 -18.18 -3.97 -2.04
N ASN A 112 -17.45 -2.95 -1.60
CA ASN A 112 -16.55 -3.08 -0.47
C ASN A 112 -17.30 -3.05 0.86
N THR A 113 -16.78 -3.80 1.83
CA THR A 113 -17.13 -3.62 3.23
C THR A 113 -15.96 -2.92 3.91
N ASP A 114 -16.21 -1.74 4.49
CA ASP A 114 -15.12 -0.99 5.08
C ASP A 114 -14.38 -1.84 6.10
N PHE A 115 -13.05 -1.69 6.11
CA PHE A 115 -12.21 -2.55 6.92
C PHE A 115 -12.52 -2.42 8.41
N LYS A 116 -12.97 -1.24 8.86
CA LYS A 116 -13.26 -1.06 10.28
C LYS A 116 -14.41 -1.96 10.71
N VAL A 117 -15.29 -2.30 9.76
CA VAL A 117 -16.38 -3.21 10.01
C VAL A 117 -16.00 -4.65 9.60
N LEU A 118 -15.21 -4.80 8.53
CA LEU A 118 -14.94 -6.14 8.00
C LEU A 118 -13.92 -6.90 8.83
N TYR A 119 -12.79 -6.27 9.15
CA TYR A 119 -11.67 -7.01 9.72
C TYR A 119 -12.00 -7.74 11.03
N PRO A 120 -12.75 -7.16 11.98
CA PRO A 120 -13.10 -7.94 13.18
C PRO A 120 -13.93 -9.18 12.87
N THR A 121 -14.51 -9.25 11.67
CA THR A 121 -15.35 -10.36 11.24
C THR A 121 -14.54 -11.55 10.72
N LEU A 122 -13.32 -11.29 10.24
CA LEU A 122 -12.59 -12.29 9.46
C LEU A 122 -12.07 -13.43 10.33
N THR A 123 -12.21 -14.66 9.82
CA THR A 123 -11.63 -15.81 10.48
C THR A 123 -10.11 -15.81 10.28
N ASP A 124 -9.43 -16.75 10.94
CA ASP A 124 -7.98 -16.83 10.76
C ASP A 124 -7.65 -17.14 9.29
N TYR A 125 -8.38 -18.07 8.69
CA TYR A 125 -8.14 -18.39 7.29
C TYR A 125 -8.39 -17.18 6.39
N ASP A 126 -9.49 -16.46 6.64
CA ASP A 126 -9.80 -15.29 5.83
C ASP A 126 -8.67 -14.28 5.84
N ILE A 127 -8.05 -14.05 7.00
CA ILE A 127 -6.91 -13.15 7.06
C ILE A 127 -5.79 -13.64 6.16
N ARG A 128 -5.43 -14.92 6.29
CA ARG A 128 -4.39 -15.48 5.42
C ARG A 128 -4.73 -15.26 3.95
N TYR A 129 -5.98 -15.52 3.58
CA TYR A 129 -6.37 -15.50 2.18
C TYR A 129 -6.30 -14.10 1.60
N TYR A 130 -6.87 -13.12 2.30
CA TYR A 130 -6.87 -11.76 1.77
C TYR A 130 -5.48 -11.16 1.74
N ILE A 131 -4.65 -11.41 2.78
CA ILE A 131 -3.27 -10.93 2.71
C ILE A 131 -2.55 -11.57 1.53
N TYR A 132 -2.81 -12.86 1.29
CA TYR A 132 -2.25 -13.52 0.11
C TYR A 132 -2.72 -12.85 -1.17
N GLU A 133 -4.01 -12.51 -1.27
CA GLU A 133 -4.48 -11.83 -2.47
C GLU A 133 -3.81 -10.46 -2.63
N LEU A 134 -3.61 -9.74 -1.52
CA LEU A 134 -2.88 -8.47 -1.59
C LEU A 134 -1.43 -8.68 -2.04
N LEU A 135 -0.78 -9.72 -1.53
CA LEU A 135 0.60 -9.97 -1.93
C LEU A 135 0.72 -10.19 -3.43
N LYS A 136 -0.29 -10.80 -4.05
CA LYS A 136 -0.25 -11.00 -5.50
C LYS A 136 -0.19 -9.67 -6.21
N ALA A 137 -1.00 -8.70 -5.77
CA ALA A 137 -0.98 -7.38 -6.37
C ALA A 137 0.37 -6.71 -6.17
N LEU A 138 0.93 -6.82 -4.96
CA LEU A 138 2.20 -6.16 -4.72
C LEU A 138 3.32 -6.79 -5.55
N ASP A 139 3.40 -8.13 -5.58
CA ASP A 139 4.44 -8.76 -6.40
C ASP A 139 4.33 -8.35 -7.85
N TYR A 140 3.09 -8.26 -8.36
CA TYR A 140 2.91 -7.88 -9.75
C TYR A 140 3.37 -6.45 -10.00
N CYS A 141 2.90 -5.50 -9.17
CA CYS A 141 3.26 -4.11 -9.48
C CYS A 141 4.75 -3.86 -9.23
N HIS A 142 5.34 -4.55 -8.25
CA HIS A 142 6.80 -4.51 -8.11
C HIS A 142 7.49 -5.08 -9.32
N SER A 143 6.96 -6.20 -9.84
CA SER A 143 7.59 -6.82 -11.01
C SER A 143 7.43 -5.98 -12.26
N GLN A 144 6.47 -5.04 -12.26
CA GLN A 144 6.31 -4.09 -13.36
C GLN A 144 7.00 -2.76 -13.07
N GLY A 145 7.84 -2.71 -12.04
CA GLY A 145 8.66 -1.54 -11.79
C GLY A 145 8.02 -0.43 -10.97
N ILE A 146 6.93 -0.70 -10.24
CA ILE A 146 6.15 0.35 -9.59
C ILE A 146 6.06 0.06 -8.10
N MET A 147 6.24 1.11 -7.29
CA MET A 147 5.99 1.10 -5.85
C MET A 147 4.64 1.74 -5.60
N HIS A 148 3.79 1.11 -4.79
CA HIS A 148 2.48 1.70 -4.53
C HIS A 148 2.60 2.90 -3.60
N ARG A 149 3.35 2.75 -2.51
CA ARG A 149 3.68 3.80 -1.55
C ARG A 149 2.49 4.29 -0.74
N ASP A 150 1.37 3.58 -0.73
CA ASP A 150 0.27 3.97 0.16
C ASP A 150 -0.54 2.74 0.56
N VAL A 151 0.15 1.63 0.85
CA VAL A 151 -0.55 0.44 1.30
C VAL A 151 -1.15 0.70 2.67
N LYS A 152 -2.44 0.42 2.80
CA LYS A 152 -3.18 0.52 4.04
C LYS A 152 -4.57 -0.07 3.81
N PRO A 153 -5.30 -0.42 4.86
CA PRO A 153 -6.60 -1.06 4.64
C PRO A 153 -7.57 -0.21 3.84
N HIS A 154 -7.51 1.12 4.00
CA HIS A 154 -8.36 2.05 3.26
C HIS A 154 -8.16 1.90 1.76
N ASN A 155 -7.04 1.34 1.31
CA ASN A 155 -6.75 1.21 -0.11
C ASN A 155 -6.82 -0.22 -0.60
N VAL A 156 -7.47 -1.09 0.16
CA VAL A 156 -7.70 -2.48 -0.23
C VAL A 156 -9.20 -2.73 -0.20
N MET A 157 -9.82 -2.84 -1.37
CA MET A 157 -11.25 -3.05 -1.46
C MET A 157 -11.54 -4.54 -1.44
N ILE A 158 -12.53 -4.95 -0.64
CA ILE A 158 -12.85 -6.36 -0.46
C ILE A 158 -14.36 -6.53 -0.53
N ASP A 159 -14.82 -7.27 -1.54
CA ASP A 159 -16.17 -7.82 -1.58
C ASP A 159 -16.09 -9.18 -0.90
N HIS A 160 -16.52 -9.24 0.35
CA HIS A 160 -16.35 -10.44 1.15
C HIS A 160 -17.23 -11.59 0.66
N GLU A 161 -18.34 -11.26 -0.02
CA GLU A 161 -19.20 -12.32 -0.55
CA GLU A 161 -19.20 -12.33 -0.54
C GLU A 161 -18.56 -13.01 -1.75
N LEU A 162 -17.98 -12.24 -2.64
CA LEU A 162 -17.30 -12.79 -3.81
C LEU A 162 -15.85 -13.15 -3.53
N ARG A 163 -15.35 -12.84 -2.34
CA ARG A 163 -13.94 -13.05 -1.98
C ARG A 163 -13.01 -12.43 -3.01
N LYS A 164 -13.35 -11.22 -3.45
CA LYS A 164 -12.56 -10.48 -4.42
C LYS A 164 -11.86 -9.31 -3.75
N LEU A 165 -10.56 -9.12 -4.07
CA LEU A 165 -9.74 -8.06 -3.51
C LEU A 165 -9.18 -7.20 -4.63
N ARG A 166 -9.14 -5.88 -4.41
CA ARG A 166 -8.48 -4.98 -5.35
C ARG A 166 -7.64 -3.98 -4.59
N LEU A 167 -6.41 -3.76 -5.05
CA LEU A 167 -5.54 -2.73 -4.51
C LEU A 167 -5.86 -1.43 -5.24
N ILE A 168 -6.32 -0.40 -4.51
CA ILE A 168 -6.79 0.82 -5.16
C ILE A 168 -5.90 2.02 -4.86
N ASP A 169 -6.35 3.20 -5.32
CA ASP A 169 -5.75 4.52 -5.16
C ASP A 169 -4.25 4.54 -5.39
N TRP A 170 -3.87 4.55 -6.67
CA TRP A 170 -2.48 4.61 -7.12
C TRP A 170 -1.97 6.04 -7.28
N GLY A 171 -2.62 7.02 -6.65
CA GLY A 171 -2.22 8.42 -6.79
C GLY A 171 -0.89 8.78 -6.13
N LEU A 172 -0.35 7.93 -5.26
CA LEU A 172 0.98 8.16 -4.71
C LEU A 172 2.01 7.18 -5.25
N ALA A 173 1.60 6.22 -6.06
CA ALA A 173 2.52 5.23 -6.62
C ALA A 173 3.56 5.89 -7.50
N GLU A 174 4.69 5.21 -7.69
CA GLU A 174 5.81 5.80 -8.41
C GLU A 174 6.65 4.70 -9.05
N PHE A 175 7.33 5.05 -10.14
CA PHE A 175 8.25 4.13 -10.79
C PHE A 175 9.54 4.03 -9.99
N TYR A 176 10.07 2.80 -9.85
CA TYR A 176 11.34 2.60 -9.16
C TYR A 176 12.49 2.70 -10.15
N HIS A 177 13.46 3.55 -9.83
CA HIS A 177 14.65 3.75 -10.64
C HIS A 177 15.83 3.60 -9.69
N PRO A 178 16.70 2.60 -9.88
CA PRO A 178 17.79 2.39 -8.90
C PRO A 178 18.58 3.66 -8.65
N GLY A 179 18.70 4.05 -7.38
CA GLY A 179 19.49 5.20 -7.00
C GLY A 179 18.72 6.49 -6.83
N LYS A 180 17.46 6.54 -7.23
CA LYS A 180 16.71 7.80 -7.18
C LYS A 180 16.30 8.10 -5.74
N GLU A 181 16.44 9.36 -5.35
CA GLU A 181 16.01 9.81 -4.04
C GLU A 181 14.57 10.29 -4.14
N TYR A 182 13.69 9.70 -3.36
CA TYR A 182 12.26 9.96 -3.46
C TYR A 182 11.78 10.83 -2.30
N ASN A 183 10.57 11.35 -2.46
CA ASN A 183 9.92 12.10 -1.40
C ASN A 183 9.54 11.15 -0.26
N VAL A 184 9.95 11.49 0.96
CA VAL A 184 9.54 10.66 2.10
C VAL A 184 8.16 11.03 2.61
N ARG A 185 7.58 12.11 2.11
CA ARG A 185 6.21 12.47 2.48
C ARG A 185 5.21 11.72 1.60
N VAL A 186 5.23 10.39 1.75
CA VAL A 186 4.31 9.50 1.09
C VAL A 186 3.81 8.50 2.12
N ALA A 187 2.89 7.62 1.68
CA ALA A 187 2.14 6.74 2.57
C ALA A 187 1.31 7.56 3.55
N SER A 188 0.58 6.87 4.41
CA SER A 188 -0.14 7.47 5.53
C SER A 188 0.66 7.18 6.79
N ARG A 189 0.58 8.10 7.75
CA ARG A 189 1.56 8.14 8.85
C ARG A 189 1.72 6.79 9.55
N TYR A 190 0.60 6.14 9.89
CA TYR A 190 0.69 4.88 10.64
C TYR A 190 1.36 3.75 9.85
N PHE A 191 1.57 3.93 8.55
CA PHE A 191 2.10 2.87 7.69
C PHE A 191 3.43 3.25 7.06
N LYS A 192 3.99 4.40 7.42
CA LYS A 192 5.28 4.82 6.91
C LYS A 192 6.38 3.91 7.46
N GLY A 193 7.28 3.48 6.59
CA GLY A 193 8.40 2.69 7.01
C GLY A 193 9.38 3.54 7.77
N PRO A 194 10.25 2.90 8.54
CA PRO A 194 11.32 3.66 9.21
C PRO A 194 12.14 4.49 8.25
N GLU A 195 12.34 3.99 7.03
CA GLU A 195 13.14 4.75 6.07
C GLU A 195 12.52 6.11 5.80
N LEU A 196 11.20 6.17 5.77
CA LEU A 196 10.54 7.47 5.59
C LEU A 196 10.72 8.34 6.82
N LEU A 197 10.75 7.72 8.01
CA LEU A 197 10.79 8.49 9.24
C LEU A 197 12.18 8.96 9.61
N VAL A 198 13.23 8.39 9.00
CA VAL A 198 14.59 8.86 9.23
C VAL A 198 15.16 9.55 8.00
N ASP A 199 14.31 9.84 7.02
CA ASP A 199 14.68 10.62 5.83
C ASP A 199 15.70 9.88 4.97
N LEU A 200 15.58 8.54 4.92
CA LEU A 200 16.32 7.74 3.95
C LEU A 200 15.54 7.77 2.64
N GLN A 201 16.02 8.55 1.67
CA GLN A 201 15.23 8.84 0.48
C GLN A 201 15.37 7.78 -0.61
N ASP A 202 16.47 7.02 -0.66
CA ASP A 202 16.61 6.02 -1.72
C ASP A 202 15.98 4.68 -1.29
N TYR A 203 14.68 4.73 -1.02
CA TYR A 203 13.95 3.53 -0.66
C TYR A 203 13.44 2.83 -1.93
N ASP A 204 12.74 1.71 -1.75
CA ASP A 204 12.39 0.87 -2.91
C ASP A 204 11.06 0.16 -2.61
N TYR A 205 10.76 -0.88 -3.40
CA TYR A 205 9.54 -1.66 -3.23
C TYR A 205 9.34 -2.13 -1.80
N SER A 206 10.44 -2.35 -1.06
CA SER A 206 10.34 -2.89 0.30
C SER A 206 9.59 -1.97 1.24
N LEU A 207 9.44 -0.68 0.90
CA LEU A 207 8.58 0.19 1.70
C LEU A 207 7.18 -0.37 1.80
N ASP A 208 6.64 -0.88 0.69
CA ASP A 208 5.29 -1.46 0.69
C ASP A 208 5.19 -2.66 1.61
N MET A 209 6.30 -3.38 1.80
CA MET A 209 6.25 -4.55 2.66
C MET A 209 6.21 -4.15 4.14
N TRP A 210 6.78 -3.01 4.50
CA TRP A 210 6.60 -2.55 5.87
C TRP A 210 5.14 -2.20 6.10
N SER A 211 4.57 -1.41 5.18
CA SER A 211 3.16 -1.02 5.25
C SER A 211 2.27 -2.24 5.37
N LEU A 212 2.55 -3.28 4.56
CA LEU A 212 1.80 -4.52 4.67
C LEU A 212 1.95 -5.13 6.05
N GLY A 213 3.18 -5.17 6.58
CA GLY A 213 3.39 -5.68 7.92
C GLY A 213 2.58 -4.93 8.97
N CYS A 214 2.47 -3.60 8.81
CA CYS A 214 1.68 -2.82 9.76
C CYS A 214 0.21 -3.21 9.68
N MET A 215 -0.31 -3.27 8.45
CA MET A 215 -1.65 -3.79 8.23
C MET A 215 -1.84 -5.14 8.87
N PHE A 216 -0.92 -6.07 8.61
CA PHE A 216 -1.03 -7.43 9.10
C PHE A 216 -1.01 -7.50 10.62
N ALA A 217 -0.06 -6.83 11.26
CA ALA A 217 -0.06 -6.75 12.73
C ALA A 217 -1.40 -6.21 13.24
N GLY A 218 -1.90 -5.15 12.63
CA GLY A 218 -3.20 -4.63 13.03
C GLY A 218 -4.28 -5.70 13.01
N MET A 219 -4.26 -6.57 12.00
CA MET A 219 -5.31 -7.57 11.86
C MET A 219 -5.17 -8.70 12.88
N ILE A 220 -3.95 -9.25 13.04
CA ILE A 220 -3.87 -10.41 13.91
C ILE A 220 -3.87 -10.02 15.38
N PHE A 221 -3.42 -8.82 15.72
CA PHE A 221 -3.45 -8.37 17.12
C PHE A 221 -4.67 -7.51 17.44
N ARG A 222 -5.51 -7.20 16.44
CA ARG A 222 -6.70 -6.38 16.64
C ARG A 222 -6.36 -5.08 17.35
N LYS A 223 -5.30 -4.44 16.87
CA LYS A 223 -4.82 -3.17 17.38
C LYS A 223 -4.62 -2.30 16.15
N GLU A 224 -5.62 -1.46 15.84
CA GLU A 224 -5.65 -0.70 14.61
C GLU A 224 -5.69 0.80 14.92
N PRO A 225 -4.71 1.59 14.46
CA PRO A 225 -3.51 1.11 13.79
C PRO A 225 -2.53 0.53 14.78
N PHE A 226 -1.62 -0.32 14.31
CA PHE A 226 -0.71 -0.99 15.23
C PHE A 226 0.31 -0.01 15.82
N PHE A 227 0.90 0.85 14.99
CA PHE A 227 1.80 1.89 15.45
C PHE A 227 1.05 3.22 15.36
N TYR A 228 0.72 3.80 16.51
CA TYR A 228 -0.21 4.95 16.53
C TYR A 228 0.55 6.20 16.98
N GLY A 229 1.32 6.76 16.07
CA GLY A 229 1.97 8.05 16.32
C GLY A 229 1.04 9.22 16.02
N HIS A 230 1.25 10.31 16.76
CA HIS A 230 0.48 11.52 16.54
C HIS A 230 1.03 12.31 15.35
N ASP A 231 2.35 12.41 15.26
CA ASP A 231 3.01 13.07 14.13
C ASP A 231 4.20 12.22 13.72
N ASN A 232 5.02 12.68 12.78
CA ASN A 232 6.02 11.80 12.19
C ASN A 232 7.15 11.46 13.16
N HIS A 233 7.52 12.38 14.04
CA HIS A 233 8.50 12.06 15.08
C HIS A 233 7.94 11.02 16.04
N ASP A 234 6.68 11.18 16.46
CA ASP A 234 6.09 10.24 17.41
C ASP A 234 5.96 8.86 16.81
N GLN A 235 5.66 8.78 15.51
CA GLN A 235 5.50 7.50 14.86
C GLN A 235 6.77 6.68 14.92
N LEU A 236 7.94 7.32 14.87
CA LEU A 236 9.17 6.55 14.98
C LEU A 236 9.40 6.11 16.42
N VAL A 237 9.07 6.97 17.38
CA VAL A 237 9.11 6.57 18.79
C VAL A 237 8.26 5.33 19.02
N LYS A 238 7.05 5.31 18.45
CA LYS A 238 6.17 4.17 18.66
C LYS A 238 6.76 2.89 18.07
N ILE A 239 7.40 2.99 16.90
CA ILE A 239 8.10 1.84 16.33
C ILE A 239 9.24 1.41 17.23
N ALA A 240 10.08 2.36 17.66
CA ALA A 240 11.26 2.00 18.43
C ALA A 240 10.89 1.41 19.79
N LYS A 241 9.77 1.86 20.36
CA LYS A 241 9.23 1.28 21.58
C LYS A 241 8.75 -0.16 21.41
N VAL A 242 8.74 -0.71 20.19
CA VAL A 242 8.38 -2.10 19.93
C VAL A 242 9.57 -2.91 19.43
N LEU A 243 10.22 -2.45 18.36
CA LEU A 243 11.35 -3.18 17.80
C LEU A 243 12.62 -3.03 18.63
N GLY A 244 12.65 -2.09 19.56
CA GLY A 244 13.84 -1.85 20.36
C GLY A 244 14.77 -0.88 19.68
N THR A 245 15.54 -0.12 20.46
CA THR A 245 16.42 0.89 19.90
C THR A 245 17.77 0.34 19.48
N ASP A 246 18.22 -0.78 20.07
CA ASP A 246 19.44 -1.43 19.60
C ASP A 246 19.35 -1.70 18.10
N GLY A 247 18.28 -2.36 17.65
CA GLY A 247 18.11 -2.60 16.24
C GLY A 247 18.04 -1.31 15.43
N LEU A 248 17.48 -0.25 16.01
CA LEU A 248 17.44 1.04 15.32
C LEU A 248 18.84 1.57 15.09
N ASN A 249 19.70 1.46 16.10
CA ASN A 249 21.05 1.99 16.01
C ASN A 249 21.86 1.32 14.91
N VAL A 250 21.76 -0.01 14.77
CA VAL A 250 22.56 -0.64 13.73
C VAL A 250 22.01 -0.28 12.35
N TYR A 251 20.69 -0.13 12.23
CA TYR A 251 20.09 0.38 11.01
C TYR A 251 20.69 1.73 10.63
N LEU A 252 20.62 2.69 11.55
CA LEU A 252 21.14 4.03 11.30
C LEU A 252 22.60 4.00 10.91
N ASN A 253 23.41 3.20 11.61
CA ASN A 253 24.84 3.16 11.32
C ASN A 253 25.14 2.47 10.00
N LYS A 254 24.36 1.44 9.63
CA LYS A 254 24.63 0.73 8.39
C LYS A 254 24.39 1.63 7.18
N TYR A 255 23.35 2.47 7.21
CA TYR A 255 23.07 3.40 6.14
C TYR A 255 23.51 4.83 6.45
N ARG A 256 24.27 5.02 7.53
CA ARG A 256 25.00 6.28 7.79
C ARG A 256 24.05 7.47 7.96
N ILE A 257 23.00 7.27 8.74
CA ILE A 257 22.01 8.32 9.02
C ILE A 257 22.12 8.69 10.49
N GLU A 258 22.25 9.98 10.76
CA GLU A 258 22.14 10.46 12.14
C GLU A 258 20.77 11.12 12.32
N LEU A 259 20.12 10.80 13.43
CA LEU A 259 18.85 11.41 13.76
C LEU A 259 19.03 12.87 14.18
N ASP A 260 17.99 13.66 13.96
CA ASP A 260 17.98 15.01 14.53
C ASP A 260 18.02 14.91 16.05
N PRO A 261 18.76 15.79 16.71
CA PRO A 261 18.85 15.70 18.18
C PRO A 261 17.49 15.69 18.88
N GLN A 262 16.54 16.50 18.42
CA GLN A 262 15.21 16.47 19.02
C GLN A 262 14.55 15.12 18.84
N LEU A 263 14.64 14.57 17.63
CA LEU A 263 14.12 13.22 17.38
C LEU A 263 14.88 12.17 18.17
N GLU A 264 16.21 12.32 18.25
CA GLU A 264 17.00 11.31 18.96
C GLU A 264 16.63 11.25 20.44
N ALA A 265 16.53 12.41 21.09
CA ALA A 265 16.12 12.44 22.49
C ALA A 265 14.72 11.86 22.67
N LEU A 266 13.81 12.15 21.74
CA LEU A 266 12.44 11.64 21.86
C LEU A 266 12.41 10.12 21.79
N VAL A 267 13.22 9.53 20.90
CA VAL A 267 13.25 8.09 20.79
C VAL A 267 13.80 7.47 22.08
N GLY A 268 14.85 8.08 22.64
CA GLY A 268 15.44 7.55 23.86
C GLY A 268 16.07 6.19 23.63
N ARG A 269 15.86 5.29 24.58
CA ARG A 269 16.40 3.94 24.48
C ARG A 269 15.37 2.96 25.02
N HIS A 270 15.08 1.92 24.23
CA HIS A 270 14.07 0.92 24.57
C HIS A 270 14.54 -0.46 24.17
N SER A 271 14.30 -1.44 25.03
CA SER A 271 14.55 -2.82 24.66
C SER A 271 13.43 -3.31 23.75
N ARG A 272 13.74 -4.32 22.95
CA ARG A 272 12.77 -4.88 22.03
C ARG A 272 11.67 -5.61 22.81
N LYS A 273 10.43 -5.48 22.35
CA LYS A 273 9.30 -6.15 22.98
C LYS A 273 8.86 -7.32 22.12
N PRO A 274 8.90 -8.55 22.64
CA PRO A 274 8.55 -9.71 21.81
C PRO A 274 7.09 -9.66 21.37
N TRP A 275 6.84 -10.24 20.18
CA TRP A 275 5.53 -10.12 19.56
C TRP A 275 4.43 -10.74 20.40
N LEU A 276 4.77 -11.73 21.23
CA LEU A 276 3.77 -12.37 22.08
C LEU A 276 3.18 -11.44 23.11
N LYS A 277 3.88 -10.36 23.47
CA LYS A 277 3.36 -9.41 24.45
C LYS A 277 2.14 -8.66 23.96
N PHE A 278 1.73 -8.83 22.70
CA PHE A 278 0.53 -8.21 22.17
C PHE A 278 -0.65 -9.18 22.11
N MET A 279 -0.41 -10.45 22.42
CA MET A 279 -1.51 -11.42 22.41
C MET A 279 -2.38 -11.20 23.64
N ASN A 280 -3.68 -11.39 23.45
CA ASN A 280 -4.63 -11.33 24.55
C ASN A 280 -5.77 -12.28 24.22
N ALA A 281 -6.75 -12.37 25.12
CA ALA A 281 -7.89 -13.25 24.91
C ALA A 281 -8.58 -12.95 23.58
N ASP A 282 -8.60 -11.68 23.16
CA ASP A 282 -9.38 -11.30 21.99
C ASP A 282 -8.71 -11.73 20.70
N ASN A 283 -7.40 -11.54 20.58
CA ASN A 283 -6.68 -11.88 19.35
C ASN A 283 -6.00 -13.24 19.41
N GLN A 284 -6.09 -13.95 20.53
CA GLN A 284 -5.29 -15.17 20.72
C GLN A 284 -5.50 -16.18 19.60
N HIS A 285 -6.74 -16.29 19.09
CA HIS A 285 -7.01 -17.27 18.05
C HIS A 285 -6.36 -16.93 16.70
N LEU A 286 -5.75 -15.75 16.56
CA LEU A 286 -5.16 -15.32 15.31
C LEU A 286 -3.65 -15.23 15.36
N VAL A 287 -3.03 -15.52 16.51
CA VAL A 287 -1.61 -15.23 16.68
C VAL A 287 -0.82 -16.54 16.87
N SER A 288 -0.65 -17.26 15.79
CA SER A 288 0.07 -18.53 15.80
C SER A 288 1.56 -18.33 15.56
N PRO A 289 2.39 -19.31 15.92
CA PRO A 289 3.83 -19.21 15.58
C PRO A 289 4.12 -18.80 14.15
N GLU A 290 3.34 -19.27 13.16
CA GLU A 290 3.67 -18.93 11.78
C GLU A 290 3.32 -17.47 11.48
N ALA A 291 2.15 -17.00 11.97
CA ALA A 291 1.82 -15.59 11.82
C ALA A 291 2.92 -14.71 12.41
N ILE A 292 3.40 -15.06 13.59
CA ILE A 292 4.45 -14.27 14.24
CA ILE A 292 4.44 -14.25 14.22
C ILE A 292 5.73 -14.32 13.43
N ASP A 293 6.12 -15.52 12.99
CA ASP A 293 7.34 -15.61 12.19
C ASP A 293 7.21 -14.79 10.93
N PHE A 294 6.03 -14.82 10.29
CA PHE A 294 5.81 -14.03 9.09
C PHE A 294 5.86 -12.54 9.39
N LEU A 295 5.16 -12.10 10.44
CA LEU A 295 5.16 -10.68 10.78
C LEU A 295 6.57 -10.21 11.11
N ASP A 296 7.30 -11.03 11.88
CA ASP A 296 8.65 -10.68 12.24
C ASP A 296 9.53 -10.42 11.03
N LYS A 297 9.29 -11.13 9.93
CA LYS A 297 10.10 -11.00 8.73
C LYS A 297 9.66 -9.84 7.83
N LEU A 298 8.52 -9.21 8.11
CA LEU A 298 8.10 -7.97 7.46
C LEU A 298 8.56 -6.74 8.24
N LEU A 299 8.34 -6.70 9.54
CA LEU A 299 8.62 -5.49 10.32
C LEU A 299 10.06 -5.49 10.81
N ARG A 300 10.97 -5.26 9.86
CA ARG A 300 12.38 -5.03 10.14
C ARG A 300 12.74 -3.59 9.80
N TYR A 301 13.53 -2.95 10.66
CA TYR A 301 14.06 -1.63 10.34
C TYR A 301 14.69 -1.64 8.95
N ASP A 302 15.58 -2.60 8.71
CA ASP A 302 16.37 -2.66 7.48
C ASP A 302 15.47 -3.10 6.35
N HIS A 303 15.18 -2.17 5.43
CA HIS A 303 14.30 -2.49 4.31
C HIS A 303 14.89 -3.59 3.43
N GLN A 304 16.21 -3.72 3.41
CA GLN A 304 16.82 -4.80 2.65
C GLN A 304 16.64 -6.18 3.29
N GLU A 305 16.29 -6.25 4.58
CA GLU A 305 16.11 -7.54 5.24
C GLU A 305 14.68 -8.04 5.16
N ARG A 306 13.70 -7.20 4.84
CA ARG A 306 12.31 -7.65 4.81
C ARG A 306 12.08 -8.62 3.65
N LEU A 307 11.09 -9.49 3.84
CA LEU A 307 10.67 -10.37 2.76
C LEU A 307 10.32 -9.56 1.52
N THR A 308 10.60 -10.12 0.35
CA THR A 308 9.97 -9.60 -0.84
C THR A 308 8.55 -10.13 -0.93
N ALA A 309 7.73 -9.51 -1.79
CA ALA A 309 6.36 -9.99 -1.94
C ALA A 309 6.35 -11.43 -2.43
N LEU A 310 7.28 -11.77 -3.32
CA LEU A 310 7.32 -13.13 -3.86
C LEU A 310 7.68 -14.14 -2.78
N GLU A 311 8.69 -13.82 -1.96
CA GLU A 311 9.05 -14.66 -0.82
C GLU A 311 7.90 -14.79 0.16
N ALA A 312 7.27 -13.66 0.52
CA ALA A 312 6.18 -13.69 1.49
C ALA A 312 5.12 -14.70 1.08
N MET A 313 4.79 -14.75 -0.22
CA MET A 313 3.73 -15.64 -0.67
C MET A 313 4.05 -17.11 -0.42
N THR A 314 5.33 -17.47 -0.37
CA THR A 314 5.72 -18.86 -0.12
C THR A 314 5.88 -19.22 1.36
N HIS A 315 5.76 -18.23 2.25
CA HIS A 315 5.89 -18.51 3.67
C HIS A 315 4.90 -19.60 4.09
N PRO A 316 5.28 -20.51 4.99
CA PRO A 316 4.35 -21.58 5.38
C PRO A 316 3.06 -21.08 6.00
N TYR A 317 3.03 -19.83 6.46
CA TYR A 317 1.78 -19.25 6.94
C TYR A 317 0.66 -19.38 5.91
N PHE A 318 1.01 -19.30 4.63
CA PHE A 318 0.02 -19.35 3.55
C PHE A 318 -0.20 -20.74 2.95
N GLN A 319 0.34 -21.81 3.56
CA GLN A 319 0.35 -23.10 2.87
C GLN A 319 -1.05 -23.57 2.53
N GLN A 320 -2.00 -23.37 3.45
CA GLN A 320 -3.36 -23.83 3.24
C GLN A 320 -4.07 -23.00 2.16
N VAL A 321 -3.70 -21.73 2.01
CA VAL A 321 -4.25 -20.90 0.93
C VAL A 321 -3.71 -21.37 -0.42
N ARG A 322 -2.39 -21.62 -0.49
CA ARG A 322 -1.81 -22.16 -1.72
C ARG A 322 -2.41 -23.51 -2.09
N ALA A 323 -2.64 -24.38 -1.09
CA ALA A 323 -3.17 -25.70 -1.39
C ALA A 323 -4.58 -25.61 -1.95
N ALA A 324 -5.39 -24.68 -1.44
CA ALA A 324 -6.73 -24.50 -1.99
C ALA A 324 -6.66 -24.03 -3.44
N GLU A 325 -5.68 -23.22 -3.77
CA GLU A 325 -5.48 -22.74 -5.12
C GLU A 325 -5.02 -23.88 -6.02
C02 JGB B . -14.66 0.85 -4.72
C04 JGB B . -13.62 1.97 -4.75
C05 JGB B . -12.83 1.99 -5.80
C06 JGB B . -11.66 2.91 -6.09
C07 JGB B . -11.23 3.93 -5.27
C08 JGB B . -10.08 4.68 -5.61
C10 JGB B . -9.38 4.36 -6.76
C12 JGB B . -9.79 3.34 -7.59
C13 JGB B . -10.94 2.60 -7.23
C14 JGB B . -13.56 2.95 -3.60
N01 JGB B . -15.57 0.69 -3.52
N15 JGB B . -13.53 3.67 -2.74
O03 JGB B . -14.71 0.08 -5.64
O09 JGB B . -9.68 5.69 -4.81
O11 JGB B . -8.20 5.12 -7.14
#